data_3BMZ
#
_entry.id   3BMZ
#
_cell.length_a   53.527
_cell.length_b   82.477
_cell.length_c   90.633
_cell.angle_alpha   90.00
_cell.angle_beta   90.00
_cell.angle_gamma   90.00
#
_symmetry.space_group_name_H-M   'P 21 21 21'
#
loop_
_entity.id
_entity.type
_entity.pdbx_description
1 polymer 'Putative uncharacterized protein'
2 non-polymer 'TETRAETHYLENE GLYCOL'
3 non-polymer 'TRIETHYLENE GLYCOL'
4 water water
#
_entity_poly.entity_id   1
_entity_poly.type   'polypeptide(L)'
_entity_poly.pdbx_seq_one_letter_code
;MENREPPLLPARWSSAYVSYWSPMLPDDQLTSGYCWFDYERDICRIDGLFNPWSERDTGYRLWMSEVGNAASGRTWKQKV
AYGRERTALGEQLCERPLDDETGPFAELFLPRDVLRRLGARHIGRRVVLGREADGWRYQRPGKGPSTLYLDAASGTPLRM
VTGDEASRASLRDFPNVSEAEIPDAVFAAKRLEHHHHHH
;
_entity_poly.pdbx_strand_id   A,B
#
# COMPACT_ATOMS: atom_id res chain seq x y z
N GLU A 5 8.32 31.98 6.89
CA GLU A 5 9.32 31.43 5.93
C GLU A 5 9.10 29.94 5.71
N PRO A 6 8.81 29.51 4.46
CA PRO A 6 8.48 28.11 4.25
C PRO A 6 9.70 27.18 4.37
N PRO A 7 9.53 26.03 5.04
CA PRO A 7 10.63 25.10 5.22
C PRO A 7 10.83 24.17 4.03
N LEU A 8 12.00 23.54 4.00
CA LEU A 8 12.24 22.41 3.12
C LEU A 8 11.62 21.16 3.71
N LEU A 9 11.22 20.24 2.84
CA LEU A 9 10.82 18.90 3.27
C LEU A 9 12.06 18.16 3.77
N PRO A 10 11.88 17.03 4.47
CA PRO A 10 13.04 16.25 4.87
CA PRO A 10 13.04 16.26 4.87
C PRO A 10 13.87 15.81 3.66
N ALA A 11 15.17 15.65 3.85
CA ALA A 11 16.06 15.26 2.75
C ALA A 11 15.68 13.92 2.11
N ARG A 12 15.10 13.03 2.93
CA ARG A 12 14.66 11.73 2.47
C ARG A 12 13.49 11.32 3.35
N TRP A 13 12.44 10.78 2.76
CA TRP A 13 11.32 10.31 3.54
C TRP A 13 10.57 9.25 2.77
N SER A 14 9.96 8.35 3.52
CA SER A 14 9.13 7.33 2.92
CA SER A 14 9.17 7.27 2.95
C SER A 14 7.99 7.02 3.87
N SER A 15 6.88 6.53 3.33
CA SER A 15 5.67 6.37 4.12
C SER A 15 4.65 5.55 3.37
N ALA A 16 3.77 4.91 4.11
CA ALA A 16 2.51 4.48 3.53
C ALA A 16 1.73 5.74 3.14
N TYR A 17 0.81 5.60 2.19
CA TYR A 17 -0.11 6.68 1.92
C TYR A 17 -1.52 6.14 1.79
N VAL A 18 -2.47 7.01 2.07
CA VAL A 18 -3.89 6.76 1.89
C VAL A 18 -4.41 7.89 1.01
N SER A 19 -5.07 7.54 -0.08
CA SER A 19 -5.46 8.49 -1.12
C SER A 19 -6.96 8.48 -1.31
N TYR A 20 -7.55 9.67 -1.34
CA TYR A 20 -8.98 9.81 -1.45
C TYR A 20 -9.32 11.21 -1.97
N TRP A 21 -10.58 11.62 -1.81
CA TRP A 21 -11.10 12.82 -2.44
C TRP A 21 -12.00 13.60 -1.51
N SER A 22 -12.07 14.91 -1.75
CA SER A 22 -13.00 15.81 -1.07
C SER A 22 -13.76 16.59 -2.15
N PRO A 23 -15.09 16.40 -2.25
CA PRO A 23 -15.90 15.43 -1.55
C PRO A 23 -15.68 14.05 -2.18
N MET A 24 -16.18 13.01 -1.54
CA MET A 24 -16.18 11.67 -2.16
C MET A 24 -17.43 11.54 -3.02
N LEU A 25 -17.24 11.55 -4.33
CA LEU A 25 -18.32 11.28 -5.28
C LEU A 25 -18.50 9.77 -5.42
N PRO A 26 -19.66 9.31 -5.96
CA PRO A 26 -19.94 7.87 -5.99
C PRO A 26 -18.83 6.93 -6.50
N ASP A 27 -18.13 7.32 -7.57
CA ASP A 27 -17.08 6.47 -8.15
C ASP A 27 -15.69 6.72 -7.57
N ASP A 28 -15.57 7.69 -6.66
CA ASP A 28 -14.28 7.95 -6.04
C ASP A 28 -13.85 6.79 -5.15
N GLN A 29 -12.55 6.51 -5.17
CA GLN A 29 -11.98 5.41 -4.40
C GLN A 29 -11.10 5.90 -3.27
N LEU A 30 -11.11 5.14 -2.17
CA LEU A 30 -10.14 5.24 -1.10
C LEU A 30 -9.12 4.13 -1.32
N THR A 31 -7.87 4.49 -1.50
CA THR A 31 -6.83 3.52 -1.79
C THR A 31 -5.62 3.75 -0.90
N SER A 32 -4.73 2.77 -0.86
CA SER A 32 -3.51 2.83 -0.05
CA SER A 32 -3.51 2.87 -0.08
C SER A 32 -2.32 2.35 -0.89
N GLY A 33 -1.14 2.73 -0.47
CA GLY A 33 0.08 2.25 -1.09
C GLY A 33 1.27 2.66 -0.27
N TYR A 34 2.42 2.75 -0.92
CA TYR A 34 3.64 3.13 -0.24
C TYR A 34 4.43 4.03 -1.17
N CYS A 35 5.17 4.98 -0.60
CA CYS A 35 5.98 5.89 -1.40
C CYS A 35 7.32 6.18 -0.74
N TRP A 36 8.27 6.56 -1.59
CA TRP A 36 9.63 6.89 -1.18
C TRP A 36 10.11 8.11 -1.94
N PHE A 37 10.76 9.03 -1.23
CA PHE A 37 11.33 10.24 -1.82
C PHE A 37 12.75 10.41 -1.33
N ASP A 38 13.70 10.45 -2.25
CA ASP A 38 15.11 10.67 -1.89
C ASP A 38 15.60 11.87 -2.68
N TYR A 39 15.68 13.01 -2.01
CA TYR A 39 15.98 14.24 -2.72
C TYR A 39 17.43 14.40 -3.09
N GLU A 40 18.33 13.74 -2.36
CA GLU A 40 19.75 13.77 -2.71
C GLU A 40 20.02 12.95 -3.97
N ARG A 41 19.36 11.79 -4.09
CA ARG A 41 19.41 11.01 -5.32
C ARG A 41 18.57 11.66 -6.42
N ASP A 42 17.56 12.43 -6.03
CA ASP A 42 16.62 13.10 -6.94
C ASP A 42 15.70 12.08 -7.64
N ILE A 43 15.07 11.23 -6.82
CA ILE A 43 14.27 10.13 -7.33
C ILE A 43 13.14 9.84 -6.35
N CYS A 44 12.04 9.33 -6.88
CA CYS A 44 10.91 8.94 -6.05
C CYS A 44 10.28 7.67 -6.59
N ARG A 45 9.48 7.05 -5.75
CA ARG A 45 8.78 5.83 -6.14
C ARG A 45 7.44 5.80 -5.45
N ILE A 46 6.40 5.37 -6.17
CA ILE A 46 5.05 5.22 -5.63
C ILE A 46 4.48 3.88 -6.11
N ASP A 47 4.02 3.07 -5.15
CA ASP A 47 3.39 1.77 -5.45
C ASP A 47 1.97 1.74 -4.90
N GLY A 48 0.96 1.48 -5.74
CA GLY A 48 -0.41 1.34 -5.27
C GLY A 48 -1.39 1.28 -6.40
N LEU A 49 -2.65 0.99 -6.07
CA LEU A 49 -3.73 1.13 -7.04
C LEU A 49 -3.77 2.59 -7.51
N PHE A 50 -3.81 2.78 -8.82
CA PHE A 50 -3.81 4.12 -9.40
C PHE A 50 -5.11 4.82 -9.01
N ASN A 51 -4.99 6.05 -8.52
CA ASN A 51 -6.13 6.83 -8.04
C ASN A 51 -5.91 8.27 -8.50
N PRO A 52 -6.78 8.81 -9.38
CA PRO A 52 -8.03 8.28 -9.88
C PRO A 52 -7.87 7.41 -11.12
N TRP A 53 -8.69 6.37 -11.21
CA TRP A 53 -8.71 5.51 -12.38
C TRP A 53 -10.15 5.06 -12.60
N SER A 54 -10.70 5.43 -13.76
CA SER A 54 -12.08 5.09 -14.11
C SER A 54 -12.19 3.68 -14.67
N GLU A 55 -12.70 2.77 -13.83
CA GLU A 55 -13.02 1.44 -14.31
C GLU A 55 -14.15 1.48 -15.34
N ARG A 56 -15.04 2.48 -15.26
CA ARG A 56 -16.12 2.63 -16.24
C ARG A 56 -15.60 2.93 -17.65
N ASP A 57 -14.66 3.86 -17.74
CA ASP A 57 -14.10 4.28 -19.01
C ASP A 57 -13.21 3.20 -19.62
N THR A 58 -12.48 2.49 -18.75
CA THR A 58 -11.41 1.59 -19.18
C THR A 58 -11.77 0.10 -19.12
N GLY A 59 -12.67 -0.28 -18.22
CA GLY A 59 -13.02 -1.69 -18.00
C GLY A 59 -12.15 -2.42 -16.98
N TYR A 60 -11.22 -1.73 -16.33
CA TYR A 60 -10.38 -2.38 -15.32
C TYR A 60 -9.90 -1.40 -14.26
N ARG A 61 -9.39 -1.96 -13.17
CA ARG A 61 -8.65 -1.20 -12.16
C ARG A 61 -7.17 -1.46 -12.38
N LEU A 62 -6.34 -0.48 -12.02
CA LEU A 62 -4.92 -0.51 -12.36
C LEU A 62 -4.07 -0.44 -11.10
N TRP A 63 -3.18 -1.40 -10.92
CA TRP A 63 -2.09 -1.29 -9.96
C TRP A 63 -0.85 -0.79 -10.70
N MET A 64 -0.10 0.12 -10.07
CA MET A 64 1.11 0.63 -10.67
C MET A 64 2.21 0.85 -9.64
N SER A 65 3.44 0.59 -10.07
CA SER A 65 4.66 1.03 -9.38
C SER A 65 5.40 1.93 -10.35
N GLU A 66 5.68 3.16 -9.91
CA GLU A 66 6.36 4.14 -10.74
C GLU A 66 7.63 4.58 -10.02
N VAL A 67 8.75 4.58 -10.75
CA VAL A 67 10.00 5.14 -10.25
C VAL A 67 10.33 6.32 -11.15
N GLY A 68 10.20 7.52 -10.58
CA GLY A 68 10.40 8.77 -11.29
C GLY A 68 11.77 9.34 -10.95
N ASN A 69 12.66 9.34 -11.94
CA ASN A 69 14.03 9.78 -11.76
C ASN A 69 14.17 11.17 -12.34
N ALA A 70 14.10 12.18 -11.47
CA ALA A 70 14.22 13.58 -11.92
C ALA A 70 15.64 13.95 -12.33
N ALA A 71 16.64 13.22 -11.83
CA ALA A 71 18.02 13.48 -12.24
C ALA A 71 18.19 13.16 -13.73
N SER A 72 17.73 11.98 -14.15
CA SER A 72 17.82 11.55 -15.55
C SER A 72 16.68 12.11 -16.40
N GLY A 73 15.62 12.57 -15.76
CA GLY A 73 14.44 13.06 -16.44
C GLY A 73 13.57 11.96 -17.03
N ARG A 74 13.65 10.75 -16.49
CA ARG A 74 12.88 9.62 -17.00
C ARG A 74 12.13 8.91 -15.89
N THR A 75 10.94 8.43 -16.23
CA THR A 75 10.17 7.59 -15.35
C THR A 75 9.97 6.20 -15.96
N TRP A 76 9.77 5.23 -15.06
CA TRP A 76 9.52 3.84 -15.41
C TRP A 76 8.30 3.41 -14.62
N LYS A 77 7.35 2.80 -15.30
CA LYS A 77 6.08 2.38 -14.70
C LYS A 77 5.84 0.91 -14.98
N GLN A 78 5.61 0.15 -13.91
CA GLN A 78 5.15 -1.23 -13.98
C GLN A 78 3.66 -1.22 -13.70
N LYS A 79 2.89 -1.96 -14.48
CA LYS A 79 1.43 -1.90 -14.44
CA LYS A 79 1.43 -1.90 -14.40
C LYS A 79 0.81 -3.28 -14.47
N VAL A 80 -0.23 -3.47 -13.65
CA VAL A 80 -1.03 -4.70 -13.69
C VAL A 80 -2.50 -4.30 -13.66
N ALA A 81 -3.24 -4.76 -14.67
CA ALA A 81 -4.69 -4.52 -14.76
C ALA A 81 -5.46 -5.62 -14.07
N TYR A 82 -6.53 -5.23 -13.37
CA TYR A 82 -7.46 -6.17 -12.76
C TYR A 82 -8.85 -5.91 -13.33
N GLY A 83 -9.35 -6.86 -14.12
CA GLY A 83 -10.67 -6.75 -14.75
C GLY A 83 -11.65 -7.77 -14.22
N ARG A 84 -12.94 -7.43 -14.25
CA ARG A 84 -13.98 -8.32 -13.75
CA ARG A 84 -14.00 -8.30 -13.75
C ARG A 84 -14.45 -9.29 -14.82
N GLU A 85 -14.70 -10.52 -14.41
CA GLU A 85 -15.25 -11.55 -15.28
C GLU A 85 -16.27 -12.30 -14.45
N ARG A 86 -17.11 -13.08 -15.12
CA ARG A 86 -18.09 -13.90 -14.44
C ARG A 86 -17.92 -15.33 -14.93
N THR A 87 -17.70 -16.25 -13.98
CA THR A 87 -17.54 -17.67 -14.30
C THR A 87 -18.61 -18.47 -13.56
N ALA A 88 -18.57 -19.78 -13.73
CA ALA A 88 -19.46 -20.71 -13.01
C ALA A 88 -19.24 -20.70 -11.49
N LEU A 89 -18.07 -20.24 -11.05
CA LEU A 89 -17.75 -20.15 -9.63
C LEU A 89 -18.04 -18.76 -9.05
N GLY A 90 -18.58 -17.85 -9.87
CA GLY A 90 -18.98 -16.50 -9.44
C GLY A 90 -18.25 -15.37 -10.17
N GLU A 91 -18.47 -14.14 -9.71
CA GLU A 91 -17.72 -12.99 -10.20
C GLU A 91 -16.26 -13.11 -9.77
N GLN A 92 -15.33 -12.82 -10.67
CA GLN A 92 -13.92 -12.93 -10.35
CA GLN A 92 -13.90 -12.98 -10.43
C GLN A 92 -13.14 -11.76 -10.94
N LEU A 93 -11.94 -11.55 -10.39
CA LEU A 93 -11.01 -10.59 -10.96
C LEU A 93 -9.96 -11.36 -11.72
N CYS A 94 -9.62 -10.87 -12.90
CA CYS A 94 -8.53 -11.46 -13.67
CA CYS A 94 -8.56 -11.44 -13.71
C CYS A 94 -7.44 -10.42 -13.87
N GLU A 95 -6.22 -10.82 -13.57
N GLU A 95 -6.22 -10.83 -13.51
CA GLU A 95 -5.10 -9.89 -13.71
CA GLU A 95 -5.06 -9.96 -13.64
C GLU A 95 -4.39 -10.08 -15.02
C GLU A 95 -4.43 -10.07 -15.03
N ARG A 96 -3.83 -8.98 -15.48
CA ARG A 96 -3.10 -8.94 -16.73
C ARG A 96 -2.01 -7.90 -16.56
N PRO A 97 -0.75 -8.33 -16.50
CA PRO A 97 0.29 -7.32 -16.56
C PRO A 97 0.25 -6.59 -17.89
N LEU A 98 0.53 -5.30 -17.84
CA LEU A 98 0.68 -4.51 -19.05
C LEU A 98 2.16 -4.35 -19.32
N ASP A 99 2.52 -3.96 -20.54
CA ASP A 99 3.92 -3.67 -20.82
C ASP A 99 4.41 -2.52 -19.94
N ASP A 100 5.66 -2.61 -19.49
CA ASP A 100 6.28 -1.49 -18.77
C ASP A 100 6.21 -0.23 -19.66
N GLU A 101 6.05 0.93 -19.04
CA GLU A 101 6.01 2.21 -19.76
C GLU A 101 7.17 3.06 -19.26
N THR A 102 7.83 3.74 -20.20
CA THR A 102 8.85 4.72 -19.88
CA THR A 102 8.82 4.75 -19.84
C THR A 102 8.45 6.05 -20.50
N GLY A 103 8.90 7.16 -19.91
CA GLY A 103 8.60 8.46 -20.46
C GLY A 103 9.35 9.56 -19.76
N PRO A 104 9.09 10.81 -20.17
CA PRO A 104 9.77 11.94 -19.56
C PRO A 104 9.25 12.22 -18.16
N PHE A 105 10.12 12.77 -17.32
CA PHE A 105 9.84 13.02 -15.92
C PHE A 105 10.70 14.20 -15.46
N ALA A 106 10.14 15.40 -15.53
CA ALA A 106 10.94 16.61 -15.36
C ALA A 106 11.08 17.04 -13.90
N GLU A 107 10.17 16.61 -13.04
CA GLU A 107 10.33 16.90 -11.62
C GLU A 107 9.64 15.86 -10.75
N LEU A 108 10.09 15.75 -9.51
CA LEU A 108 9.49 14.84 -8.55
C LEU A 108 8.08 15.29 -8.23
N PHE A 109 7.24 14.35 -7.81
CA PHE A 109 5.84 14.69 -7.53
C PHE A 109 5.68 15.71 -6.41
N LEU A 110 6.62 15.67 -5.47
CA LEU A 110 6.68 16.64 -4.37
C LEU A 110 8.14 17.07 -4.18
N PRO A 111 8.58 18.11 -4.90
CA PRO A 111 9.94 18.60 -4.77
C PRO A 111 10.26 19.05 -3.34
N ARG A 112 11.49 18.83 -2.91
CA ARG A 112 11.89 19.16 -1.54
C ARG A 112 11.62 20.62 -1.19
N ASP A 113 11.84 21.49 -2.18
CA ASP A 113 11.75 22.93 -2.00
C ASP A 113 10.44 23.50 -2.54
N VAL A 114 9.42 22.67 -2.71
CA VAL A 114 8.16 23.11 -3.33
C VAL A 114 7.55 24.33 -2.62
N LEU A 115 7.60 24.36 -1.30
CA LEU A 115 6.96 25.44 -0.55
C LEU A 115 7.72 26.76 -0.72
N ARG A 116 9.04 26.68 -0.76
CA ARG A 116 9.86 27.87 -0.99
C ARG A 116 9.71 28.35 -2.41
N ARG A 117 9.83 27.45 -3.39
CA ARG A 117 9.86 27.83 -4.79
C ARG A 117 8.50 28.34 -5.29
N LEU A 118 7.40 27.78 -4.78
CA LEU A 118 6.06 28.21 -5.18
C LEU A 118 5.46 29.26 -4.25
N GLY A 119 6.23 29.72 -3.27
CA GLY A 119 5.83 30.85 -2.44
C GLY A 119 4.68 30.54 -1.51
N ALA A 120 4.74 29.40 -0.83
CA ALA A 120 3.65 28.99 0.06
C ALA A 120 3.49 29.94 1.22
N ARG A 121 2.26 30.07 1.68
CA ARG A 121 1.95 30.85 2.87
C ARG A 121 1.38 29.96 3.94
N HIS A 122 1.75 30.25 5.18
CA HIS A 122 1.24 29.52 6.33
C HIS A 122 -0.19 29.95 6.59
N ILE A 123 -1.13 29.00 6.55
CA ILE A 123 -2.54 29.32 6.72
C ILE A 123 -3.08 28.92 8.09
N GLY A 124 -2.19 28.51 8.98
CA GLY A 124 -2.58 28.15 10.34
C GLY A 124 -2.27 26.70 10.67
N ARG A 125 -2.55 26.36 11.93
CA ARG A 125 -2.36 25.01 12.43
C ARG A 125 -3.64 24.20 12.24
N ARG A 126 -3.47 22.90 12.10
CA ARG A 126 -4.59 21.97 11.98
C ARG A 126 -4.16 20.64 12.54
N VAL A 127 -5.06 19.91 13.18
CA VAL A 127 -4.76 18.56 13.63
C VAL A 127 -5.00 17.61 12.46
N VAL A 128 -3.95 16.87 12.09
CA VAL A 128 -4.00 15.93 10.97
C VAL A 128 -3.38 14.63 11.47
N LEU A 129 -4.11 13.52 11.34
CA LEU A 129 -3.63 12.23 11.83
C LEU A 129 -3.23 12.34 13.31
N GLY A 130 -4.03 13.06 14.08
CA GLY A 130 -3.81 13.20 15.51
C GLY A 130 -2.60 14.03 15.91
N ARG A 131 -1.99 14.73 14.95
CA ARG A 131 -0.77 15.50 15.17
CA ARG A 131 -0.78 15.49 15.20
C ARG A 131 -0.99 16.96 14.82
N GLU A 132 -0.36 17.84 15.58
CA GLU A 132 -0.35 19.26 15.26
CA GLU A 132 -0.36 19.26 15.26
C GLU A 132 0.43 19.47 13.96
N ALA A 133 -0.23 20.08 12.98
CA ALA A 133 0.37 20.29 11.66
C ALA A 133 0.30 21.77 11.27
N ASP A 134 1.31 22.19 10.52
CA ASP A 134 1.32 23.49 9.86
C ASP A 134 0.77 23.34 8.45
N GLY A 135 -0.22 24.15 8.09
CA GLY A 135 -0.73 24.18 6.73
C GLY A 135 -0.03 25.23 5.88
N TRP A 136 0.50 24.79 4.74
CA TRP A 136 1.20 25.66 3.80
C TRP A 136 0.47 25.60 2.46
N ARG A 137 -0.09 26.74 2.04
CA ARG A 137 -0.93 26.79 0.87
C ARG A 137 -0.20 27.54 -0.23
N TYR A 138 -0.27 27.01 -1.45
CA TYR A 138 0.43 27.60 -2.58
C TYR A 138 -0.34 27.34 -3.85
N GLN A 139 0.01 28.11 -4.87
CA GLN A 139 -0.57 27.95 -6.21
CA GLN A 139 -0.57 27.95 -6.20
C GLN A 139 0.39 27.17 -7.08
N ARG A 140 -0.13 26.12 -7.72
CA ARG A 140 0.59 25.42 -8.77
C ARG A 140 0.27 26.21 -10.05
N PRO A 141 1.26 26.97 -10.60
CA PRO A 141 0.96 27.84 -11.74
CA PRO A 141 0.96 27.84 -11.74
C PRO A 141 0.24 27.13 -12.88
N GLY A 142 -0.89 27.70 -13.29
CA GLY A 142 -1.68 27.15 -14.39
C GLY A 142 -2.45 25.88 -14.08
N LYS A 143 -2.56 25.52 -12.80
CA LYS A 143 -3.24 24.29 -12.38
C LYS A 143 -4.28 24.55 -11.31
N GLY A 144 -3.85 25.10 -10.19
CA GLY A 144 -4.74 25.37 -9.06
C GLY A 144 -4.00 25.31 -7.74
N PRO A 145 -4.74 25.48 -6.62
CA PRO A 145 -4.11 25.51 -5.32
C PRO A 145 -3.76 24.12 -4.78
N SER A 146 -2.82 24.11 -3.85
CA SER A 146 -2.51 22.95 -3.05
C SER A 146 -2.27 23.40 -1.62
N THR A 147 -2.52 22.52 -0.67
CA THR A 147 -2.18 22.77 0.73
C THR A 147 -1.42 21.56 1.25
N LEU A 148 -0.19 21.77 1.70
CA LEU A 148 0.62 20.71 2.29
C LEU A 148 0.69 20.92 3.79
N TYR A 149 0.30 19.90 4.54
CA TYR A 149 0.37 19.91 5.99
C TYR A 149 1.60 19.15 6.44
N LEU A 150 2.44 19.85 7.20
CA LEU A 150 3.66 19.28 7.76
C LEU A 150 3.52 19.16 9.26
N ASP A 151 4.09 18.09 9.82
CA ASP A 151 4.13 17.94 11.27
C ASP A 151 4.86 19.15 11.85
N ALA A 152 4.21 19.81 12.82
CA ALA A 152 4.75 21.06 13.35
C ALA A 152 6.03 20.87 14.16
N ALA A 153 6.26 19.64 14.64
CA ALA A 153 7.47 19.32 15.41
C ALA A 153 8.59 18.72 14.55
N SER A 154 8.26 17.77 13.67
CA SER A 154 9.28 17.04 12.90
C SER A 154 9.50 17.56 11.48
N GLY A 155 8.54 18.32 10.97
CA GLY A 155 8.61 18.82 9.60
C GLY A 155 8.31 17.81 8.50
N THR A 156 7.85 16.62 8.88
CA THR A 156 7.56 15.58 7.89
C THR A 156 6.14 15.75 7.34
N PRO A 157 5.90 15.32 6.09
CA PRO A 157 4.56 15.45 5.51
CA PRO A 157 4.56 15.47 5.53
C PRO A 157 3.50 14.64 6.25
N LEU A 158 2.32 15.22 6.41
CA LEU A 158 1.16 14.53 6.97
C LEU A 158 0.02 14.41 5.97
N ARG A 159 -0.24 15.47 5.19
CA ARG A 159 -1.32 15.44 4.22
C ARG A 159 -1.02 16.39 3.08
N MET A 160 -1.24 15.92 1.86
CA MET A 160 -1.20 16.77 0.69
C MET A 160 -2.61 16.91 0.15
N VAL A 161 -3.06 18.16 0.02
CA VAL A 161 -4.33 18.48 -0.61
C VAL A 161 -4.00 19.09 -1.96
N THR A 162 -4.43 18.44 -3.03
CA THR A 162 -4.21 18.93 -4.38
C THR A 162 -5.55 19.39 -4.92
N GLY A 163 -5.68 20.71 -5.09
CA GLY A 163 -6.94 21.32 -5.44
C GLY A 163 -7.52 22.03 -4.26
N ASP A 164 -8.70 22.58 -4.45
CA ASP A 164 -9.41 23.32 -3.43
C ASP A 164 -10.26 22.34 -2.64
N GLU A 165 -9.89 22.11 -1.37
CA GLU A 165 -10.58 21.17 -0.51
C GLU A 165 -12.08 21.47 -0.35
N ALA A 166 -12.45 22.74 -0.52
CA ALA A 166 -13.84 23.19 -0.37
C ALA A 166 -14.65 23.16 -1.68
N SER A 167 -14.08 22.60 -2.75
CA SER A 167 -14.77 22.42 -4.03
CA SER A 167 -14.82 22.39 -4.00
C SER A 167 -14.52 21.01 -4.58
N ARG A 168 -13.24 20.72 -4.85
CA ARG A 168 -12.85 19.41 -5.35
C ARG A 168 -11.35 19.27 -5.19
N ALA A 169 -10.92 18.29 -4.41
CA ALA A 169 -9.50 18.06 -4.19
C ALA A 169 -9.19 16.60 -3.96
N SER A 170 -7.98 16.22 -4.32
CA SER A 170 -7.37 14.95 -3.94
CA SER A 170 -7.46 14.94 -3.89
C SER A 170 -6.72 15.13 -2.57
N LEU A 171 -6.87 14.13 -1.70
CA LEU A 171 -6.20 14.11 -0.40
C LEU A 171 -5.31 12.89 -0.32
N ARG A 172 -4.07 13.09 0.14
CA ARG A 172 -3.15 11.98 0.37
C ARG A 172 -2.58 12.16 1.77
N ASP A 173 -2.78 11.15 2.61
CA ASP A 173 -2.34 11.16 4.00
C ASP A 173 -1.14 10.23 4.17
N PHE A 174 -0.21 10.62 5.03
CA PHE A 174 1.06 9.92 5.23
C PHE A 174 1.19 9.54 6.71
N PRO A 175 0.64 8.38 7.12
CA PRO A 175 0.55 8.04 8.54
CA PRO A 175 0.57 8.09 8.55
C PRO A 175 1.83 7.62 9.25
N ASN A 176 2.87 7.25 8.53
CA ASN A 176 4.05 6.65 9.18
C ASN A 176 5.36 7.00 8.50
N VAL A 177 5.58 8.31 8.36
CA VAL A 177 6.77 8.77 7.68
C VAL A 177 8.04 8.36 8.43
N SER A 178 8.98 7.79 7.68
CA SER A 178 10.30 7.46 8.17
C SER A 178 11.34 8.25 7.38
N GLU A 179 12.36 8.73 8.10
CA GLU A 179 13.49 9.42 7.47
C GLU A 179 14.70 8.50 7.35
N ALA A 180 14.50 7.19 7.50
CA ALA A 180 15.62 6.25 7.41
C ALA A 180 16.21 6.18 6.01
N GLU A 181 17.45 5.69 5.93
CA GLU A 181 18.13 5.45 4.66
C GLU A 181 17.29 4.53 3.78
N ILE A 182 17.27 4.82 2.48
CA ILE A 182 16.52 4.04 1.50
C ILE A 182 17.55 3.28 0.66
N PRO A 183 17.46 1.93 0.60
CA PRO A 183 18.43 1.19 -0.20
C PRO A 183 18.37 1.50 -1.70
N ASP A 184 19.51 1.35 -2.38
CA ASP A 184 19.61 1.53 -3.82
C ASP A 184 18.53 0.74 -4.56
N ALA A 185 18.32 -0.50 -4.11
CA ALA A 185 17.41 -1.41 -4.79
C ALA A 185 15.99 -0.89 -4.90
N VAL A 186 15.56 -0.04 -3.96
CA VAL A 186 14.20 0.50 -4.01
C VAL A 186 13.99 1.27 -5.32
N PHE A 187 15.04 1.93 -5.81
CA PHE A 187 14.93 2.77 -7.00
C PHE A 187 15.51 2.15 -8.27
N ALA A 188 15.91 0.89 -8.22
CA ALA A 188 16.58 0.25 -9.36
C ALA A 188 15.79 0.30 -10.68
N ALA A 189 14.47 0.15 -10.61
CA ALA A 189 13.60 0.19 -11.78
C ALA A 189 13.96 -0.87 -12.82
N GLU B 5 10.98 -32.38 -3.27
CA GLU B 5 10.83 -31.63 -1.99
C GLU B 5 10.36 -30.20 -2.28
N PRO B 6 9.37 -29.71 -1.50
CA PRO B 6 8.95 -28.32 -1.70
C PRO B 6 10.08 -27.35 -1.35
N PRO B 7 10.15 -26.21 -2.05
CA PRO B 7 11.21 -25.23 -1.80
C PRO B 7 10.96 -24.37 -0.56
N LEU B 8 12.04 -23.80 -0.04
CA LEU B 8 11.94 -22.69 0.91
C LEU B 8 11.63 -21.40 0.17
N LEU B 9 10.95 -20.47 0.85
CA LEU B 9 10.79 -19.12 0.32
CA LEU B 9 10.79 -19.13 0.31
C LEU B 9 12.14 -18.42 0.38
N PRO B 10 12.28 -17.28 -0.32
CA PRO B 10 13.54 -16.53 -0.21
C PRO B 10 13.83 -16.15 1.24
N ALA B 11 15.10 -16.06 1.62
CA ALA B 11 15.48 -15.69 2.99
C ALA B 11 14.93 -14.33 3.43
N ARG B 12 14.78 -13.42 2.47
CA ARG B 12 14.18 -12.12 2.70
CA ARG B 12 14.14 -12.13 2.71
C ARG B 12 13.49 -11.70 1.43
N TRP B 13 12.31 -11.12 1.55
CA TRP B 13 11.62 -10.60 0.38
C TRP B 13 10.65 -9.52 0.77
N SER B 14 10.43 -8.60 -0.16
CA SER B 14 9.46 -7.53 0.04
C SER B 14 8.81 -7.21 -1.28
N SER B 15 7.60 -6.67 -1.23
CA SER B 15 6.81 -6.49 -2.44
C SER B 15 5.62 -5.62 -2.16
N ALA B 16 5.13 -4.94 -3.20
CA ALA B 16 3.76 -4.49 -3.18
C ALA B 16 2.85 -5.71 -3.13
N TYR B 17 1.65 -5.54 -2.62
CA TYR B 17 0.67 -6.59 -2.74
C TYR B 17 -0.67 -6.03 -3.18
N VAL B 18 -1.46 -6.89 -3.82
CA VAL B 18 -2.82 -6.59 -4.22
C VAL B 18 -3.68 -7.71 -3.63
N SER B 19 -4.71 -7.35 -2.87
CA SER B 19 -5.48 -8.29 -2.09
CA SER B 19 -5.49 -8.28 -2.07
C SER B 19 -6.93 -8.25 -2.52
N TYR B 20 -7.52 -9.43 -2.73
CA TYR B 20 -8.89 -9.53 -3.22
C TYR B 20 -9.42 -10.94 -2.90
N TRP B 21 -10.50 -11.34 -3.55
CA TRP B 21 -11.26 -12.54 -3.17
C TRP B 21 -11.73 -13.27 -4.42
N SER B 22 -11.93 -14.58 -4.25
CA SER B 22 -12.53 -15.42 -5.29
C SER B 22 -13.62 -16.27 -4.63
N PRO B 23 -14.89 -16.11 -5.04
CA PRO B 23 -15.38 -15.11 -5.98
C PRO B 23 -15.36 -13.75 -5.30
N MET B 24 -15.54 -12.69 -6.08
CA MET B 24 -15.71 -11.35 -5.53
C MET B 24 -17.18 -11.15 -5.23
N LEU B 25 -17.53 -11.27 -3.95
CA LEU B 25 -18.89 -10.98 -3.51
C LEU B 25 -19.06 -9.46 -3.44
N PRO B 26 -20.31 -8.99 -3.42
CA PRO B 26 -20.55 -7.55 -3.53
C PRO B 26 -19.83 -6.62 -2.54
N ASP B 27 -19.62 -7.05 -1.29
CA ASP B 27 -18.89 -6.22 -0.31
C ASP B 27 -17.38 -6.43 -0.35
N ASP B 28 -16.90 -7.37 -1.14
CA ASP B 28 -15.46 -7.64 -1.18
C ASP B 28 -14.72 -6.49 -1.86
N GLN B 29 -13.55 -6.19 -1.34
CA GLN B 29 -12.73 -5.09 -1.81
C GLN B 29 -11.45 -5.59 -2.46
N LEU B 30 -10.98 -4.81 -3.43
CA LEU B 30 -9.66 -4.93 -4.03
C LEU B 30 -8.80 -3.84 -3.38
N THR B 31 -7.75 -4.24 -2.67
CA THR B 31 -6.88 -3.28 -1.99
C THR B 31 -5.43 -3.53 -2.33
N SER B 32 -4.59 -2.55 -2.04
CA SER B 32 -3.16 -2.65 -2.28
C SER B 32 -2.39 -2.18 -1.06
N GLY B 33 -1.14 -2.58 -0.97
CA GLY B 33 -0.27 -2.13 0.10
C GLY B 33 1.13 -2.59 -0.18
N TYR B 34 1.94 -2.68 0.87
CA TYR B 34 3.31 -3.13 0.76
C TYR B 34 3.62 -4.06 1.93
N CYS B 35 4.50 -5.02 1.71
CA CYS B 35 4.86 -5.97 2.74
C CYS B 35 6.34 -6.33 2.69
N TRP B 36 6.85 -6.75 3.84
CA TRP B 36 8.24 -7.12 4.01
C TRP B 36 8.31 -8.36 4.89
N PHE B 37 9.12 -9.33 4.47
CA PHE B 37 9.36 -10.56 5.23
C PHE B 37 10.86 -10.77 5.37
N ASP B 38 11.35 -10.82 6.60
CA ASP B 38 12.76 -11.06 6.85
C ASP B 38 12.87 -12.27 7.77
N TYR B 39 13.20 -13.41 7.18
CA TYR B 39 13.17 -14.66 7.92
C TYR B 39 14.38 -14.83 8.81
N GLU B 40 15.47 -14.13 8.52
CA GLU B 40 16.65 -14.19 9.40
C GLU B 40 16.41 -13.38 10.68
N ARG B 41 15.82 -12.19 10.55
CA ARG B 41 15.39 -11.43 11.72
C ARG B 41 14.14 -12.04 12.38
N ASP B 42 13.36 -12.79 11.59
CA ASP B 42 12.10 -13.42 12.04
C ASP B 42 11.04 -12.36 12.34
N ILE B 43 10.84 -11.47 11.38
CA ILE B 43 9.93 -10.37 11.52
CA ILE B 43 9.91 -10.33 11.52
C ILE B 43 9.30 -10.06 10.16
N CYS B 44 8.07 -9.57 10.18
CA CYS B 44 7.39 -9.15 8.95
C CYS B 44 6.63 -7.85 9.21
N ARG B 45 6.24 -7.19 8.12
CA ARG B 45 5.48 -5.95 8.20
C ARG B 45 4.52 -5.89 7.03
N ILE B 46 3.30 -5.42 7.28
CA ILE B 46 2.29 -5.24 6.25
C ILE B 46 1.62 -3.89 6.45
N ASP B 47 1.61 -3.06 5.41
CA ASP B 47 0.96 -1.74 5.43
C ASP B 47 -0.12 -1.68 4.35
N GLY B 48 -1.35 -1.37 4.72
CA GLY B 48 -2.41 -1.19 3.74
C GLY B 48 -3.78 -1.12 4.39
N LEU B 49 -4.77 -0.80 3.58
CA LEU B 49 -6.15 -0.87 4.03
C LEU B 49 -6.45 -2.32 4.40
N PHE B 50 -7.00 -2.51 5.59
CA PHE B 50 -7.24 -3.86 6.09
C PHE B 50 -8.31 -4.52 5.23
N ASN B 51 -8.05 -5.76 4.84
CA ASN B 51 -8.91 -6.53 3.96
C ASN B 51 -8.96 -7.96 4.48
N PRO B 52 -10.14 -8.46 4.93
CA PRO B 52 -11.46 -7.86 4.85
C PRO B 52 -11.77 -6.99 6.06
N TRP B 53 -12.57 -5.96 5.85
CA TRP B 53 -13.02 -5.10 6.93
C TRP B 53 -14.41 -4.59 6.62
N SER B 54 -15.34 -4.83 7.54
CA SER B 54 -16.73 -4.42 7.36
CA SER B 54 -16.73 -4.43 7.36
C SER B 54 -16.96 -3.00 7.83
N GLU B 55 -17.10 -2.09 6.89
CA GLU B 55 -17.43 -0.71 7.23
C GLU B 55 -18.85 -0.60 7.81
N ARG B 56 -19.76 -1.43 7.30
CA ARG B 56 -21.13 -1.43 7.79
C ARG B 56 -21.20 -1.77 9.29
N ASP B 57 -20.45 -2.80 9.69
CA ASP B 57 -20.45 -3.27 11.08
C ASP B 57 -19.71 -2.33 12.04
N THR B 58 -18.64 -1.69 11.55
CA THR B 58 -17.76 -0.89 12.41
C THR B 58 -17.95 0.62 12.29
N GLY B 59 -18.44 1.07 11.14
CA GLY B 59 -18.61 2.50 10.88
C GLY B 59 -17.44 3.16 10.17
N TYR B 60 -16.40 2.40 9.82
CA TYR B 60 -15.23 2.99 9.17
C TYR B 60 -14.46 1.97 8.35
N ARG B 61 -13.60 2.49 7.47
CA ARG B 61 -12.60 1.67 6.80
C ARG B 61 -11.30 1.86 7.56
N LEU B 62 -10.50 0.82 7.61
CA LEU B 62 -9.31 0.79 8.46
C LEU B 62 -8.04 0.72 7.62
N TRP B 63 -7.12 1.65 7.84
CA TRP B 63 -5.75 1.51 7.38
C TRP B 63 -4.92 0.98 8.55
N MET B 64 -4.03 0.04 8.27
CA MET B 64 -3.16 -0.49 9.31
C MET B 64 -1.75 -0.77 8.81
N SER B 65 -0.79 -0.53 9.69
CA SER B 65 0.56 -1.03 9.54
C SER B 65 0.83 -1.94 10.73
N GLU B 66 1.19 -3.19 10.42
CA GLU B 66 1.45 -4.21 11.44
C GLU B 66 2.89 -4.69 11.31
N VAL B 67 3.63 -4.69 12.42
CA VAL B 67 4.94 -5.29 12.49
C VAL B 67 4.83 -6.50 13.41
N GLY B 68 4.92 -7.68 12.82
CA GLY B 68 4.79 -8.96 13.54
C GLY B 68 6.16 -9.56 13.76
N ASN B 69 6.57 -9.62 15.02
CA ASN B 69 7.88 -10.10 15.39
C ASN B 69 7.72 -11.51 15.96
N ALA B 70 8.00 -12.52 15.15
CA ALA B 70 7.89 -13.92 15.60
C ALA B 70 9.00 -14.28 16.57
N ALA B 71 10.14 -13.60 16.51
CA ALA B 71 11.22 -13.89 17.45
C ALA B 71 10.74 -13.57 18.87
N SER B 72 10.30 -12.33 19.09
CA SER B 72 9.82 -11.90 20.40
CA SER B 72 9.82 -11.90 20.40
C SER B 72 8.42 -12.44 20.71
N GLY B 73 7.69 -12.83 19.67
CA GLY B 73 6.34 -13.32 19.82
C GLY B 73 5.29 -12.24 20.02
N ARG B 74 5.59 -11.03 19.54
CA ARG B 74 4.68 -9.90 19.72
C ARG B 74 4.46 -9.16 18.42
N THR B 75 3.22 -8.71 18.23
CA THR B 75 2.90 -7.84 17.13
C THR B 75 2.54 -6.44 17.63
N TRP B 76 2.74 -5.46 16.75
CA TRP B 76 2.47 -4.06 17.00
C TRP B 76 1.68 -3.55 15.80
N LYS B 77 0.56 -2.91 16.05
CA LYS B 77 -0.37 -2.45 15.01
C LYS B 77 -0.64 -0.96 15.17
N GLN B 78 -0.38 -0.21 14.10
CA GLN B 78 -0.75 1.20 14.00
C GLN B 78 -1.99 1.27 13.12
N LYS B 79 -3.05 1.86 13.63
CA LYS B 79 -4.35 1.86 12.97
C LYS B 79 -4.88 3.26 12.78
N VAL B 80 -5.45 3.54 11.61
CA VAL B 80 -6.14 4.79 11.34
C VAL B 80 -7.49 4.48 10.72
N ALA B 81 -8.55 4.98 11.36
CA ALA B 81 -9.92 4.79 10.87
C ALA B 81 -10.29 5.92 9.91
N TYR B 82 -10.94 5.59 8.81
CA TYR B 82 -11.51 6.57 7.90
C TYR B 82 -13.03 6.41 7.90
N GLY B 83 -13.72 7.37 8.47
CA GLY B 83 -15.19 7.34 8.56
C GLY B 83 -15.84 8.38 7.67
N ARG B 84 -17.05 8.10 7.20
CA ARG B 84 -17.79 9.02 6.34
C ARG B 84 -18.59 10.04 7.16
N GLU B 85 -18.55 11.30 6.73
CA GLU B 85 -19.38 12.37 7.30
C GLU B 85 -20.05 13.15 6.16
N ARG B 86 -21.15 13.84 6.47
CA ARG B 86 -21.85 14.66 5.49
C ARG B 86 -21.61 16.15 5.73
N THR B 87 -21.30 16.87 4.66
CA THR B 87 -21.05 18.32 4.71
C THR B 87 -21.80 19.01 3.57
N ALA B 88 -21.61 20.33 3.46
CA ALA B 88 -22.20 21.11 2.37
C ALA B 88 -21.79 20.61 0.99
N LEU B 89 -20.56 20.11 0.88
CA LEU B 89 -20.06 19.58 -0.39
C LEU B 89 -20.57 18.18 -0.73
N GLY B 90 -21.03 17.47 0.29
CA GLY B 90 -21.48 16.08 0.15
C GLY B 90 -20.74 15.21 1.14
N GLU B 91 -20.40 13.99 0.73
CA GLU B 91 -19.71 13.05 1.61
C GLU B 91 -18.23 13.43 1.73
N GLN B 92 -17.72 13.35 2.95
CA GLN B 92 -16.30 13.58 3.25
CA GLN B 92 -16.29 13.53 3.19
C GLN B 92 -15.80 12.45 4.13
N LEU B 93 -14.50 12.15 4.04
CA LEU B 93 -13.89 11.18 4.95
C LEU B 93 -13.12 11.92 6.03
N CYS B 94 -13.23 11.39 7.24
CA CYS B 94 -12.48 11.94 8.37
CA CYS B 94 -12.52 11.93 8.40
CA CYS B 94 -12.51 11.93 8.40
C CYS B 94 -11.59 10.86 8.96
N GLU B 95 -10.33 11.20 9.18
CA GLU B 95 -9.39 10.23 9.73
CA GLU B 95 -9.33 10.27 9.71
C GLU B 95 -9.30 10.36 11.23
N ARG B 96 -9.11 9.22 11.88
CA ARG B 96 -8.96 9.16 13.32
CA ARG B 96 -8.97 9.16 13.33
C ARG B 96 -7.94 8.07 13.69
N PRO B 97 -6.73 8.46 14.10
CA PRO B 97 -5.80 7.42 14.54
CA PRO B 97 -5.79 7.44 14.55
C PRO B 97 -6.26 6.75 15.82
N LEU B 98 -5.90 5.47 15.97
CA LEU B 98 -6.11 4.70 17.21
C LEU B 98 -4.76 4.61 17.92
N ASP B 99 -4.78 4.46 19.25
CA ASP B 99 -3.54 4.16 19.98
C ASP B 99 -2.98 2.86 19.46
N ASP B 100 -1.67 2.67 19.50
CA ASP B 100 -1.12 1.41 18.99
CA ASP B 100 -1.08 1.43 19.02
C ASP B 100 -1.58 0.24 19.84
N GLU B 101 -1.76 -0.89 19.16
CA GLU B 101 -2.22 -2.14 19.77
CA GLU B 101 -2.20 -2.11 19.80
C GLU B 101 -1.11 -3.14 19.68
N THR B 102 -0.97 -3.94 20.73
CA THR B 102 0.01 -5.02 20.74
CA THR B 102 0.01 -5.00 20.77
C THR B 102 -0.68 -6.31 21.17
N GLY B 103 -0.08 -7.43 20.81
CA GLY B 103 -0.64 -8.72 21.14
C GLY B 103 0.33 -9.82 20.77
N PRO B 104 -0.07 -11.07 21.02
CA PRO B 104 0.78 -12.20 20.71
C PRO B 104 0.89 -12.43 19.21
N PHE B 105 2.03 -12.98 18.79
CA PHE B 105 2.33 -13.22 17.38
C PHE B 105 3.25 -14.42 17.29
N ALA B 106 2.67 -15.60 17.10
CA ALA B 106 3.40 -16.86 17.26
C ALA B 106 4.20 -17.25 16.02
N GLU B 107 3.75 -16.82 14.85
CA GLU B 107 4.51 -17.09 13.62
C GLU B 107 4.23 -16.03 12.56
N LEU B 108 5.12 -15.95 11.59
CA LEU B 108 4.98 -14.99 10.50
C LEU B 108 3.82 -15.43 9.64
N PHE B 109 3.21 -14.49 8.93
CA PHE B 109 2.03 -14.80 8.13
C PHE B 109 2.30 -15.82 7.03
N LEU B 110 3.54 -15.82 6.52
CA LEU B 110 3.99 -16.80 5.55
C LEU B 110 5.38 -17.29 5.96
N PRO B 111 5.42 -18.34 6.80
CA PRO B 111 6.72 -18.85 7.25
C PRO B 111 7.59 -19.32 6.09
N ARG B 112 8.91 -19.16 6.23
CA ARG B 112 9.83 -19.48 5.13
C ARG B 112 9.71 -20.93 4.68
N ASP B 113 9.49 -21.82 5.65
CA ASP B 113 9.46 -23.26 5.42
C ASP B 113 8.04 -23.81 5.36
N VAL B 114 7.05 -22.95 5.15
CA VAL B 114 5.64 -23.37 5.20
C VAL B 114 5.33 -24.54 4.28
N LEU B 115 5.90 -24.55 3.07
CA LEU B 115 5.60 -25.60 2.10
C LEU B 115 6.19 -26.94 2.51
N ARG B 116 7.37 -26.89 3.13
CA ARG B 116 7.98 -28.12 3.64
C ARG B 116 7.27 -28.62 4.89
N ARG B 117 7.05 -27.73 5.84
CA ARG B 117 6.50 -28.13 7.14
C ARG B 117 5.06 -28.63 7.02
N LEU B 118 4.26 -28.01 6.15
CA LEU B 118 2.87 -28.42 5.97
C LEU B 118 2.66 -29.46 4.86
N GLY B 119 3.75 -29.92 4.25
CA GLY B 119 3.69 -31.04 3.31
C GLY B 119 2.99 -30.70 1.99
N ALA B 120 3.34 -29.56 1.41
CA ALA B 120 2.72 -29.11 0.17
C ALA B 120 3.01 -30.07 -0.96
N ARG B 121 2.04 -30.14 -1.88
CA ARG B 121 2.18 -30.93 -3.09
CA ARG B 121 2.17 -30.94 -3.10
C ARG B 121 2.08 -30.03 -4.31
N HIS B 122 2.86 -30.35 -5.32
CA HIS B 122 2.90 -29.58 -6.55
C HIS B 122 1.64 -29.90 -7.35
N ILE B 123 0.89 -28.88 -7.75
CA ILE B 123 -0.36 -29.10 -8.47
CA ILE B 123 -0.37 -29.04 -8.46
C ILE B 123 -0.30 -28.58 -9.90
N GLY B 124 0.92 -28.39 -10.40
CA GLY B 124 1.14 -27.98 -11.79
C GLY B 124 1.54 -26.54 -11.94
N ARG B 125 1.77 -26.16 -13.20
CA ARG B 125 2.11 -24.79 -13.58
C ARG B 125 0.85 -24.02 -13.89
N ARG B 126 0.89 -22.72 -13.61
CA ARG B 126 -0.20 -21.79 -13.88
CA ARG B 126 -0.20 -21.81 -13.93
C ARG B 126 0.39 -20.48 -14.33
N VAL B 127 -0.23 -19.81 -15.31
CA VAL B 127 0.18 -18.45 -15.65
C VAL B 127 -0.34 -17.53 -14.55
N VAL B 128 0.59 -16.88 -13.86
CA VAL B 128 0.26 -15.94 -12.79
C VAL B 128 1.11 -14.71 -13.03
N LEU B 129 0.47 -13.54 -13.09
CA LEU B 129 1.17 -12.29 -13.34
C LEU B 129 2.10 -12.42 -14.55
N GLY B 130 1.59 -13.05 -15.61
CA GLY B 130 2.26 -13.03 -16.90
C GLY B 130 3.37 -14.03 -17.12
N ARG B 131 3.57 -14.98 -16.20
CA ARG B 131 4.50 -16.06 -16.51
C ARG B 131 4.15 -17.32 -15.75
N GLU B 132 4.82 -18.41 -16.10
CA GLU B 132 4.54 -19.68 -15.44
C GLU B 132 4.98 -19.67 -13.99
N ALA B 133 4.08 -20.14 -13.13
CA ALA B 133 4.30 -20.26 -11.70
C ALA B 133 4.04 -21.69 -11.26
N ASP B 134 4.83 -22.17 -10.31
CA ASP B 134 4.58 -23.45 -9.65
C ASP B 134 3.53 -23.28 -8.58
N GLY B 135 2.46 -24.08 -8.64
CA GLY B 135 1.47 -24.12 -7.59
C GLY B 135 1.76 -25.20 -6.56
N TRP B 136 1.77 -24.80 -5.29
CA TRP B 136 2.02 -25.70 -4.17
C TRP B 136 0.83 -25.65 -3.24
N ARG B 137 0.14 -26.78 -3.12
CA ARG B 137 -1.11 -26.83 -2.36
C ARG B 137 -0.88 -27.57 -1.06
N TYR B 138 -1.42 -27.03 0.03
CA TYR B 138 -1.25 -27.63 1.34
C TYR B 138 -2.46 -27.36 2.22
N GLN B 139 -2.56 -28.12 3.30
CA GLN B 139 -3.62 -27.93 4.27
CA GLN B 139 -3.63 -27.93 4.26
C GLN B 139 -3.11 -27.15 5.47
N ARG B 140 -3.85 -26.11 5.87
CA ARG B 140 -3.61 -25.41 7.11
C ARG B 140 -4.44 -26.19 8.14
N PRO B 141 -3.76 -26.94 9.05
CA PRO B 141 -4.49 -27.84 9.96
C PRO B 141 -5.59 -27.14 10.75
N GLY B 142 -6.80 -27.69 10.68
CA GLY B 142 -7.96 -27.12 11.38
C GLY B 142 -8.54 -25.86 10.76
N LYS B 143 -8.07 -25.47 9.57
CA LYS B 143 -8.52 -24.23 8.93
C LYS B 143 -9.05 -24.47 7.53
N GLY B 144 -8.23 -25.06 6.67
CA GLY B 144 -8.61 -25.32 5.27
C GLY B 144 -7.40 -25.29 4.36
N PRO B 145 -7.64 -25.44 3.05
CA PRO B 145 -6.54 -25.49 2.09
C PRO B 145 -5.97 -24.12 1.74
N SER B 146 -4.75 -24.14 1.23
CA SER B 146 -4.10 -22.98 0.64
C SER B 146 -3.30 -23.42 -0.56
N THR B 147 -3.05 -22.48 -1.46
CA THR B 147 -2.14 -22.71 -2.59
C THR B 147 -1.22 -21.50 -2.71
N LEU B 148 0.08 -21.76 -2.74
CA LEU B 148 1.06 -20.70 -2.95
C LEU B 148 1.67 -20.91 -4.33
N TYR B 149 1.61 -19.87 -5.15
CA TYR B 149 2.20 -19.88 -6.48
C TYR B 149 3.52 -19.14 -6.41
N LEU B 150 4.58 -19.81 -6.85
CA LEU B 150 5.93 -19.25 -6.86
C LEU B 150 6.39 -19.09 -8.29
N ASP B 151 7.11 -18.01 -8.55
CA ASP B 151 7.74 -17.83 -9.86
C ASP B 151 8.62 -19.06 -10.13
N ALA B 152 8.41 -19.70 -11.27
CA ALA B 152 9.07 -20.97 -11.57
C ALA B 152 10.58 -20.82 -11.73
N ALA B 153 11.04 -19.65 -12.15
CA ALA B 153 12.47 -19.41 -12.37
C ALA B 153 13.18 -18.94 -11.09
N SER B 154 12.57 -18.03 -10.35
CA SER B 154 13.24 -17.38 -9.20
C SER B 154 12.84 -17.92 -7.83
N GLY B 155 11.71 -18.60 -7.74
CA GLY B 155 11.20 -19.10 -6.47
C GLY B 155 10.55 -18.06 -5.57
N THR B 156 10.34 -16.85 -6.08
CA THR B 156 9.73 -15.79 -5.28
C THR B 156 8.21 -15.93 -5.30
N PRO B 157 7.52 -15.52 -4.23
CA PRO B 157 6.07 -15.63 -4.20
CA PRO B 157 6.06 -15.62 -4.20
C PRO B 157 5.38 -14.73 -5.24
N LEU B 158 4.36 -15.26 -5.89
CA LEU B 158 3.57 -14.51 -6.85
C LEU B 158 2.10 -14.37 -6.42
N ARG B 159 1.52 -15.43 -5.87
CA ARG B 159 0.13 -15.40 -5.46
C ARG B 159 -0.09 -16.36 -4.30
N MET B 160 -0.72 -15.85 -3.24
CA MET B 160 -1.11 -16.62 -2.07
CA MET B 160 -1.12 -16.66 -2.09
C MET B 160 -2.63 -16.78 -2.12
N VAL B 161 -3.10 -18.03 -2.19
CA VAL B 161 -4.53 -18.33 -2.16
C VAL B 161 -4.81 -18.98 -0.80
N THR B 162 -5.62 -18.32 0.02
CA THR B 162 -6.00 -18.84 1.32
C THR B 162 -7.46 -19.27 1.24
N GLY B 163 -7.69 -20.57 1.30
CA GLY B 163 -9.00 -21.17 1.01
C GLY B 163 -8.97 -21.85 -0.35
N ASP B 164 -10.11 -22.37 -0.76
CA ASP B 164 -10.24 -23.04 -2.07
C ASP B 164 -10.72 -22.03 -3.11
N GLU B 165 -9.87 -21.72 -4.09
CA GLU B 165 -10.17 -20.69 -5.10
C GLU B 165 -11.43 -21.02 -5.91
N ALA B 166 -11.71 -22.31 -6.05
CA ALA B 166 -12.92 -22.78 -6.75
C ALA B 166 -14.18 -22.77 -5.88
N SER B 167 -14.07 -22.30 -4.63
CA SER B 167 -15.22 -22.17 -3.73
C SER B 167 -15.26 -20.80 -3.03
N ARG B 168 -14.27 -20.53 -2.19
CA ARG B 168 -14.15 -19.23 -1.51
C ARG B 168 -12.73 -19.06 -0.98
N ALA B 169 -12.05 -17.99 -1.41
CA ALA B 169 -10.65 -17.79 -1.06
C ALA B 169 -10.25 -16.35 -1.10
N SER B 170 -9.28 -16.01 -0.26
CA SER B 170 -8.54 -14.76 -0.34
CA SER B 170 -8.60 -14.74 -0.41
C SER B 170 -7.40 -14.94 -1.33
N LEU B 171 -7.17 -13.95 -2.18
CA LEU B 171 -6.05 -13.94 -3.11
C LEU B 171 -5.18 -12.73 -2.81
N ARG B 172 -3.88 -12.94 -2.72
CA ARG B 172 -2.91 -11.86 -2.57
C ARG B 172 -1.84 -12.05 -3.62
N ASP B 173 -1.65 -11.03 -4.46
CA ASP B 173 -0.68 -11.05 -5.56
C ASP B 173 0.50 -10.16 -5.20
N PHE B 174 1.69 -10.57 -5.62
CA PHE B 174 2.96 -9.90 -5.30
C PHE B 174 3.67 -9.56 -6.61
N PRO B 175 3.36 -8.40 -7.21
CA PRO B 175 3.82 -8.09 -8.55
CA PRO B 175 3.84 -8.14 -8.57
C PRO B 175 5.28 -7.69 -8.72
N ASN B 176 5.98 -7.36 -7.64
CA ASN B 176 7.33 -6.79 -7.76
C ASN B 176 8.24 -7.17 -6.60
N VAL B 177 8.35 -8.48 -6.37
CA VAL B 177 9.17 -8.96 -5.28
C VAL B 177 10.64 -8.58 -5.43
N SER B 178 11.19 -8.06 -4.35
CA SER B 178 12.60 -7.76 -4.24
C SER B 178 13.22 -8.62 -3.13
N GLU B 179 14.40 -9.17 -3.40
CA GLU B 179 15.17 -9.91 -2.40
C GLU B 179 16.31 -9.07 -1.81
N ALA B 180 16.26 -7.76 -2.00
CA ALA B 180 17.30 -6.88 -1.48
C ALA B 180 17.25 -6.79 0.05
N GLU B 181 18.37 -6.34 0.64
CA GLU B 181 18.42 -6.13 2.08
C GLU B 181 17.36 -5.11 2.49
N ILE B 182 16.79 -5.32 3.67
CA ILE B 182 15.75 -4.50 4.24
C ILE B 182 16.34 -3.76 5.42
N PRO B 183 16.30 -2.41 5.43
CA PRO B 183 16.81 -1.67 6.58
C PRO B 183 16.07 -2.04 7.86
N ASP B 184 16.79 -2.16 8.96
CA ASP B 184 16.14 -2.61 10.19
C ASP B 184 15.08 -1.63 10.69
N ALA B 185 15.20 -0.35 10.33
CA ALA B 185 14.20 0.64 10.71
C ALA B 185 12.81 0.32 10.17
N VAL B 186 12.73 -0.44 9.07
CA VAL B 186 11.45 -0.88 8.54
C VAL B 186 10.63 -1.61 9.61
N PHE B 187 11.31 -2.32 10.50
CA PHE B 187 10.63 -3.14 11.50
C PHE B 187 10.57 -2.51 12.89
N ALA B 188 10.89 -1.22 12.98
CA ALA B 188 10.84 -0.52 14.26
C ALA B 188 9.40 -0.16 14.66
N ALA B 189 9.11 -0.22 15.95
CA ALA B 189 7.82 0.23 16.49
C ALA B 189 8.03 1.44 17.41
N LYS B 190 6.94 2.15 17.67
CA LYS B 190 6.94 3.21 18.69
C LYS B 190 5.57 3.29 19.35
N ARG B 191 5.50 3.96 20.49
CA ARG B 191 4.23 4.19 21.15
C ARG B 191 3.52 5.38 20.51
N LEU B 192 2.23 5.21 20.27
CA LEU B 192 1.39 6.26 19.72
C LEU B 192 0.23 6.47 20.68
N GLU B 193 0.36 7.48 21.53
CA GLU B 193 -0.65 7.81 22.51
C GLU B 193 -1.41 9.05 22.04
N HIS B 194 -2.67 8.85 21.65
CA HIS B 194 -3.51 9.93 21.16
C HIS B 194 -4.65 10.20 22.13
#